data_2MU7
# 
_entry.id   2MU7 
# 
_audit_conform.dict_name       mmcif_pdbx.dic 
_audit_conform.dict_version    5.392 
_audit_conform.dict_location   http://mmcif.pdb.org/dictionaries/ascii/mmcif_pdbx.dic 
# 
loop_
_database_2.database_id 
_database_2.database_code 
_database_2.pdbx_database_accession 
_database_2.pdbx_DOI 
PDB   2MU7         pdb_00002mu7 10.2210/pdb2mu7/pdb 
RCSB  RCSB104050   ?            ?                   
BMRB  25201        ?            10.13018/BMR25201   
WWPDB D_1000104050 ?            ?                   
# 
loop_
_pdbx_audit_revision_history.ordinal 
_pdbx_audit_revision_history.data_content_type 
_pdbx_audit_revision_history.major_revision 
_pdbx_audit_revision_history.minor_revision 
_pdbx_audit_revision_history.revision_date 
1 'Structure model' 1 0 2014-11-12 
2 'Structure model' 1 1 2023-06-14 
3 'Structure model' 1 2 2024-05-15 
# 
_pdbx_audit_revision_details.ordinal             1 
_pdbx_audit_revision_details.revision_ordinal    1 
_pdbx_audit_revision_details.data_content_type   'Structure model' 
_pdbx_audit_revision_details.provider            repository 
_pdbx_audit_revision_details.type                'Initial release' 
_pdbx_audit_revision_details.description         ? 
_pdbx_audit_revision_details.details             ? 
# 
loop_
_pdbx_audit_revision_group.ordinal 
_pdbx_audit_revision_group.revision_ordinal 
_pdbx_audit_revision_group.data_content_type 
_pdbx_audit_revision_group.group 
1 2 'Structure model' 'Data collection'     
2 2 'Structure model' 'Database references' 
3 2 'Structure model' Other                 
4 3 'Structure model' 'Data collection'     
5 3 'Structure model' 'Database references' 
# 
loop_
_pdbx_audit_revision_category.ordinal 
_pdbx_audit_revision_category.revision_ordinal 
_pdbx_audit_revision_category.data_content_type 
_pdbx_audit_revision_category.category 
1 2 'Structure model' database_2           
2 2 'Structure model' pdbx_database_status 
3 2 'Structure model' pdbx_nmr_software    
4 3 'Structure model' chem_comp_atom       
5 3 'Structure model' chem_comp_bond       
6 3 'Structure model' database_2           
# 
loop_
_pdbx_audit_revision_item.ordinal 
_pdbx_audit_revision_item.revision_ordinal 
_pdbx_audit_revision_item.data_content_type 
_pdbx_audit_revision_item.item 
1 2 'Structure model' '_database_2.pdbx_DOI'                       
2 2 'Structure model' '_database_2.pdbx_database_accession'        
3 2 'Structure model' '_pdbx_database_status.status_code_nmr_data' 
4 2 'Structure model' '_pdbx_nmr_software.name'                    
5 3 'Structure model' '_database_2.pdbx_DOI'                       
# 
_pdbx_database_status.deposit_site                    BMRB 
_pdbx_database_status.entry_id                        2MU7 
_pdbx_database_status.process_site                    RCSB 
_pdbx_database_status.recvd_initial_deposition_date   2014-09-04 
_pdbx_database_status.SG_entry                        ? 
_pdbx_database_status.status_code                     REL 
_pdbx_database_status.status_code_mr                  REL 
_pdbx_database_status.status_code_sf                  ? 
_pdbx_database_status.status_code_cs                  REL 
_pdbx_database_status.methods_development_category    ? 
_pdbx_database_status.pdb_format_compatible           Y 
_pdbx_database_status.status_code_nmr_data            REL 
# 
loop_
_pdbx_database_related.db_id 
_pdbx_database_related.db_name 
_pdbx_database_related.content_type 
_pdbx_database_related.details 
25201 BMRB unspecified . 
2MU8  PDB  unspecified . 
# 
loop_
_audit_author.name 
_audit_author.pdbx_ordinal 
'Espejo, F.'    1 
'Bermudez, A.'  2 
'Torres, E.'    3 
'Urquiza, M.'   4 
'Rodriguez, R.' 5 
'Lopez, Y.'     6 
'Patarroyo, M.' 7 
# 
_citation.id                        primary 
_citation.title                     
;Shortening and modifying the 1513 MSP-1 peptide's alpha-helical region induces protection against malaria.
;
_citation.journal_abbrev            Biochem.Biophys.Res.Commun. 
_citation.journal_volume            315 
_citation.page_first                418 
_citation.page_last                 427 
_citation.year                      2004 
_citation.journal_id_ASTM           BBRCA9 
_citation.country                   US 
_citation.journal_id_ISSN           0006-291X 
_citation.journal_id_CSD            0146 
_citation.book_publisher            ? 
_citation.pdbx_database_id_PubMed   14766224 
_citation.pdbx_database_id_DOI      10.1016/j.bbrc.2004.01.072 
# 
loop_
_citation_author.citation_id 
_citation_author.name 
_citation_author.ordinal 
_citation_author.identifier_ORCID 
primary 'Espejo, F.'      1 ? 
primary 'Bermudez, A.'    2 ? 
primary 'Torres, E.'      3 ? 
primary 'Urquiza, M.'     4 ? 
primary 'Rodriguez, R.'   5 ? 
primary 'Lopez, Y.'       6 ? 
primary 'Patarroyo, M.E.' 7 ? 
# 
_entity.id                         1 
_entity.type                       polymer 
_entity.src_method                 syn 
_entity.pdbx_description           '1513 MSP-1 peptide' 
_entity.formula_weight             2162.420 
_entity.pdbx_number_of_molecules   1 
_entity.pdbx_ec                    ? 
_entity.pdbx_mutation              ? 
_entity.pdbx_fragment              ? 
_entity.details                    ? 
# 
_entity_poly.entity_id                      1 
_entity_poly.type                           'polypeptide(L)' 
_entity_poly.nstd_linkage                   no 
_entity_poly.nstd_monomer                   no 
_entity_poly.pdbx_seq_one_letter_code       GYSLFQKEKMVLNEGTSGTA 
_entity_poly.pdbx_seq_one_letter_code_can   GYSLFQKEKMVLNEGTSGTA 
_entity_poly.pdbx_strand_id                 A 
_entity_poly.pdbx_target_identifier         ? 
# 
loop_
_entity_poly_seq.entity_id 
_entity_poly_seq.num 
_entity_poly_seq.mon_id 
_entity_poly_seq.hetero 
1 1  GLY n 
1 2  TYR n 
1 3  SER n 
1 4  LEU n 
1 5  PHE n 
1 6  GLN n 
1 7  LYS n 
1 8  GLU n 
1 9  LYS n 
1 10 MET n 
1 11 VAL n 
1 12 LEU n 
1 13 ASN n 
1 14 GLU n 
1 15 GLY n 
1 16 THR n 
1 17 SER n 
1 18 GLY n 
1 19 THR n 
1 20 ALA n 
# 
_pdbx_entity_src_syn.entity_id              1 
_pdbx_entity_src_syn.pdbx_src_id            1 
_pdbx_entity_src_syn.pdbx_alt_source_flag   sample 
_pdbx_entity_src_syn.pdbx_beg_seq_num       ? 
_pdbx_entity_src_syn.pdbx_end_seq_num       ? 
_pdbx_entity_src_syn.organism_scientific    'Plasmodium falciparum' 
_pdbx_entity_src_syn.organism_common_name   ? 
_pdbx_entity_src_syn.ncbi_taxonomy_id       5833 
_pdbx_entity_src_syn.details                ? 
# 
loop_
_chem_comp.id 
_chem_comp.type 
_chem_comp.mon_nstd_flag 
_chem_comp.name 
_chem_comp.pdbx_synonyms 
_chem_comp.formula 
_chem_comp.formula_weight 
ALA 'L-peptide linking' y ALANINE         ? 'C3 H7 N O2'     89.093  
ASN 'L-peptide linking' y ASPARAGINE      ? 'C4 H8 N2 O3'    132.118 
GLN 'L-peptide linking' y GLUTAMINE       ? 'C5 H10 N2 O3'   146.144 
GLU 'L-peptide linking' y 'GLUTAMIC ACID' ? 'C5 H9 N O4'     147.129 
GLY 'peptide linking'   y GLYCINE         ? 'C2 H5 N O2'     75.067  
LEU 'L-peptide linking' y LEUCINE         ? 'C6 H13 N O2'    131.173 
LYS 'L-peptide linking' y LYSINE          ? 'C6 H15 N2 O2 1' 147.195 
MET 'L-peptide linking' y METHIONINE      ? 'C5 H11 N O2 S'  149.211 
PHE 'L-peptide linking' y PHENYLALANINE   ? 'C9 H11 N O2'    165.189 
SER 'L-peptide linking' y SERINE          ? 'C3 H7 N O3'     105.093 
THR 'L-peptide linking' y THREONINE       ? 'C4 H9 N O3'     119.119 
TYR 'L-peptide linking' y TYROSINE        ? 'C9 H11 N O3'    181.189 
VAL 'L-peptide linking' y VALINE          ? 'C5 H11 N O2'    117.146 
# 
loop_
_pdbx_poly_seq_scheme.asym_id 
_pdbx_poly_seq_scheme.entity_id 
_pdbx_poly_seq_scheme.seq_id 
_pdbx_poly_seq_scheme.mon_id 
_pdbx_poly_seq_scheme.ndb_seq_num 
_pdbx_poly_seq_scheme.pdb_seq_num 
_pdbx_poly_seq_scheme.auth_seq_num 
_pdbx_poly_seq_scheme.pdb_mon_id 
_pdbx_poly_seq_scheme.auth_mon_id 
_pdbx_poly_seq_scheme.pdb_strand_id 
_pdbx_poly_seq_scheme.pdb_ins_code 
_pdbx_poly_seq_scheme.hetero 
A 1 1  GLY 1  1  1  GLY GLY A . n 
A 1 2  TYR 2  2  2  TYR TYR A . n 
A 1 3  SER 3  3  3  SER SER A . n 
A 1 4  LEU 4  4  4  LEU LEU A . n 
A 1 5  PHE 5  5  5  PHE PHE A . n 
A 1 6  GLN 6  6  6  GLN GLN A . n 
A 1 7  LYS 7  7  7  LYS LYS A . n 
A 1 8  GLU 8  8  8  GLU GLU A . n 
A 1 9  LYS 9  9  9  LYS LYS A . n 
A 1 10 MET 10 10 10 MET MET A . n 
A 1 11 VAL 11 11 11 VAL VAL A . n 
A 1 12 LEU 12 12 12 LEU LEU A . n 
A 1 13 ASN 13 13 13 ASN ASN A . n 
A 1 14 GLU 14 14 14 GLU GLU A . n 
A 1 15 GLY 15 15 15 GLY GLY A . n 
A 1 16 THR 16 16 16 THR THR A . n 
A 1 17 SER 17 17 17 SER SER A . n 
A 1 18 GLY 18 18 18 GLY GLY A . n 
A 1 19 THR 19 19 19 THR THR A . n 
A 1 20 ALA 20 20 20 ALA ALA A . n 
# 
_exptl.absorpt_coefficient_mu     ? 
_exptl.absorpt_correction_T_max   ? 
_exptl.absorpt_correction_T_min   ? 
_exptl.absorpt_correction_type    ? 
_exptl.absorpt_process_details    ? 
_exptl.crystals_number            ? 
_exptl.details                    ? 
_exptl.entry_id                   2MU7 
_exptl.method                     'SOLUTION NMR' 
_exptl.method_details             ? 
# 
_struct.entry_id                  2MU7 
_struct.title                     
;Shortening and modifying the 1513 MSP-1 peptide's alpha-helical region induces protection against malaria
;
_struct.pdbx_model_details        'lowest energy, model3' 
_struct.pdbx_CASP_flag            ? 
_struct.pdbx_model_type_details   ? 
# 
_struct_keywords.entry_id        2MU7 
_struct_keywords.pdbx_keywords   'CELL INVASION' 
_struct_keywords.text            'MSP-1 protein, CELL INVASION' 
# 
_struct_asym.id                            A 
_struct_asym.pdbx_blank_PDB_chainid_flag   N 
_struct_asym.pdbx_modified                 N 
_struct_asym.entity_id                     1 
_struct_asym.details                       ? 
# 
_struct_ref.id                         1 
_struct_ref.db_name                    PDB 
_struct_ref.db_code                    2MU7 
_struct_ref.pdbx_db_accession          2MU7 
_struct_ref.entity_id                  1 
_struct_ref.pdbx_align_begin           ? 
_struct_ref.pdbx_seq_one_letter_code   GYSLFQKEKMVLNEGTSGTA 
_struct_ref.pdbx_db_isoform            ? 
# 
_struct_ref_seq.align_id                      1 
_struct_ref_seq.ref_id                        1 
_struct_ref_seq.pdbx_PDB_id_code              2MU7 
_struct_ref_seq.pdbx_strand_id                A 
_struct_ref_seq.seq_align_beg                 1 
_struct_ref_seq.pdbx_seq_align_beg_ins_code   ? 
_struct_ref_seq.seq_align_end                 20 
_struct_ref_seq.pdbx_seq_align_end_ins_code   ? 
_struct_ref_seq.pdbx_db_accession             2MU7 
_struct_ref_seq.db_align_beg                  1 
_struct_ref_seq.pdbx_db_align_beg_ins_code    ? 
_struct_ref_seq.db_align_end                  20 
_struct_ref_seq.pdbx_db_align_end_ins_code    ? 
_struct_ref_seq.pdbx_auth_seq_align_beg       1 
_struct_ref_seq.pdbx_auth_seq_align_end       20 
# 
_pdbx_struct_assembly.id                   1 
_pdbx_struct_assembly.details              author_defined_assembly 
_pdbx_struct_assembly.method_details       ? 
_pdbx_struct_assembly.oligomeric_details   monomeric 
_pdbx_struct_assembly.oligomeric_count     1 
# 
_pdbx_struct_assembly_gen.assembly_id       1 
_pdbx_struct_assembly_gen.oper_expression   1 
_pdbx_struct_assembly_gen.asym_id_list      A 
# 
_pdbx_struct_oper_list.id                   1 
_pdbx_struct_oper_list.type                 'identity operation' 
_pdbx_struct_oper_list.name                 1_555 
_pdbx_struct_oper_list.symmetry_operation   x,y,z 
_pdbx_struct_oper_list.matrix[1][1]         1.0000000000 
_pdbx_struct_oper_list.matrix[1][2]         0.0000000000 
_pdbx_struct_oper_list.matrix[1][3]         0.0000000000 
_pdbx_struct_oper_list.vector[1]            0.0000000000 
_pdbx_struct_oper_list.matrix[2][1]         0.0000000000 
_pdbx_struct_oper_list.matrix[2][2]         1.0000000000 
_pdbx_struct_oper_list.matrix[2][3]         0.0000000000 
_pdbx_struct_oper_list.vector[2]            0.0000000000 
_pdbx_struct_oper_list.matrix[3][1]         0.0000000000 
_pdbx_struct_oper_list.matrix[3][2]         0.0000000000 
_pdbx_struct_oper_list.matrix[3][3]         1.0000000000 
_pdbx_struct_oper_list.vector[3]            0.0000000000 
# 
_struct_biol.id        1 
_struct_biol.details   ? 
# 
_struct_conf.conf_type_id            HELX_P 
_struct_conf.id                      HELX_P1 
_struct_conf.pdbx_PDB_helix_id       1 
_struct_conf.beg_label_comp_id       GLY 
_struct_conf.beg_label_asym_id       A 
_struct_conf.beg_label_seq_id        1 
_struct_conf.pdbx_beg_PDB_ins_code   ? 
_struct_conf.end_label_comp_id       GLY 
_struct_conf.end_label_asym_id       A 
_struct_conf.end_label_seq_id        15 
_struct_conf.pdbx_end_PDB_ins_code   ? 
_struct_conf.beg_auth_comp_id        GLY 
_struct_conf.beg_auth_asym_id        A 
_struct_conf.beg_auth_seq_id         1 
_struct_conf.end_auth_comp_id        GLY 
_struct_conf.end_auth_asym_id        A 
_struct_conf.end_auth_seq_id         15 
_struct_conf.pdbx_PDB_helix_class    1 
_struct_conf.details                 ? 
_struct_conf.pdbx_PDB_helix_length   15 
# 
_struct_conf_type.id          HELX_P 
_struct_conf_type.criteria    ? 
_struct_conf_type.reference   ? 
# 
loop_
_pdbx_validate_rmsd_bond.id 
_pdbx_validate_rmsd_bond.PDB_model_num 
_pdbx_validate_rmsd_bond.auth_atom_id_1 
_pdbx_validate_rmsd_bond.auth_asym_id_1 
_pdbx_validate_rmsd_bond.auth_comp_id_1 
_pdbx_validate_rmsd_bond.auth_seq_id_1 
_pdbx_validate_rmsd_bond.PDB_ins_code_1 
_pdbx_validate_rmsd_bond.label_alt_id_1 
_pdbx_validate_rmsd_bond.auth_atom_id_2 
_pdbx_validate_rmsd_bond.auth_asym_id_2 
_pdbx_validate_rmsd_bond.auth_comp_id_2 
_pdbx_validate_rmsd_bond.auth_seq_id_2 
_pdbx_validate_rmsd_bond.PDB_ins_code_2 
_pdbx_validate_rmsd_bond.label_alt_id_2 
_pdbx_validate_rmsd_bond.bond_value 
_pdbx_validate_rmsd_bond.bond_target_value 
_pdbx_validate_rmsd_bond.bond_deviation 
_pdbx_validate_rmsd_bond.bond_standard_deviation 
_pdbx_validate_rmsd_bond.linker_flag 
1 1 CD A GLU 8  ? ? OE2 A GLU 8  ? ? 1.372 1.252 0.120 0.011 N 
2 1 CD A GLU 14 ? ? OE2 A GLU 14 ? ? 1.371 1.252 0.119 0.011 N 
# 
loop_
_pdbx_validate_torsion.id 
_pdbx_validate_torsion.PDB_model_num 
_pdbx_validate_torsion.auth_comp_id 
_pdbx_validate_torsion.auth_asym_id 
_pdbx_validate_torsion.auth_seq_id 
_pdbx_validate_torsion.PDB_ins_code 
_pdbx_validate_torsion.label_alt_id 
_pdbx_validate_torsion.phi 
_pdbx_validate_torsion.psi 
1 1 LEU A 4  ? ? -167.84 -80.58 
2 1 THR A 19 ? ? 60.00   92.84  
# 
_pdbx_nmr_ensemble.average_constraint_violations_per_residue     ? 
_pdbx_nmr_ensemble.average_constraints_per_residue               ? 
_pdbx_nmr_ensemble.average_distance_constraint_violation         ? 
_pdbx_nmr_ensemble.average_torsion_angle_constraint_violation    ? 
_pdbx_nmr_ensemble.conformer_selection_criteria                  'structures with the lowest energy' 
_pdbx_nmr_ensemble.conformers_calculated_total_number            50 
_pdbx_nmr_ensemble.conformers_submitted_total_number             1 
_pdbx_nmr_ensemble.distance_constraint_violation_method          ? 
_pdbx_nmr_ensemble.entry_id                                      2MU7 
_pdbx_nmr_ensemble.maximum_distance_constraint_violation         ? 
_pdbx_nmr_ensemble.maximum_lower_distance_constraint_violation   ? 
_pdbx_nmr_ensemble.maximum_torsion_angle_constraint_violation    ? 
_pdbx_nmr_ensemble.maximum_upper_distance_constraint_violation   ? 
_pdbx_nmr_ensemble.torsion_angle_constraint_violation_method     ? 
# 
_pdbx_nmr_representative.conformer_id         1 
_pdbx_nmr_representative.entry_id             2MU7 
_pdbx_nmr_representative.selection_criteria   ? 
# 
_pdbx_nmr_sample_details.contents         '8 mM protein, trifluoroethanol/water' 
_pdbx_nmr_sample_details.solution_id      1 
_pdbx_nmr_sample_details.solvent_system   trifluoroethanol/water 
# 
_pdbx_nmr_exptl_sample.component             entity-1 
_pdbx_nmr_exptl_sample.concentration         8 
_pdbx_nmr_exptl_sample.concentration_range   ? 
_pdbx_nmr_exptl_sample.concentration_units   mM 
_pdbx_nmr_exptl_sample.isotopic_labeling     ? 
_pdbx_nmr_exptl_sample.solution_id           1 
# 
_pdbx_nmr_exptl_sample_conditions.conditions_id       1 
_pdbx_nmr_exptl_sample_conditions.ionic_strength      ? 
_pdbx_nmr_exptl_sample_conditions.pH                  3.7 
_pdbx_nmr_exptl_sample_conditions.pressure            ambient 
_pdbx_nmr_exptl_sample_conditions.pressure_units      ? 
_pdbx_nmr_exptl_sample_conditions.temperature         295 
_pdbx_nmr_exptl_sample_conditions.temperature_units   K 
# 
loop_
_pdbx_nmr_exptl.conditions_id 
_pdbx_nmr_exptl.experiment_id 
_pdbx_nmr_exptl.solution_id 
_pdbx_nmr_exptl.type 
1 1 1 '2D DQF-COSY'    
1 2 1 '2D 1H-1H TOCSY' 
1 3 1 '2D 1H-1H NOESY' 
# 
_pdbx_nmr_refine.entry_id           2MU7 
_pdbx_nmr_refine.method             'DGSA-distance geometry simulated annealing, simulated annealing' 
_pdbx_nmr_refine.details            ? 
_pdbx_nmr_refine.software_ordinal   1 
# 
loop_
_pdbx_nmr_software.authors 
_pdbx_nmr_software.classification 
_pdbx_nmr_software.name 
_pdbx_nmr_software.version 
_pdbx_nmr_software.ordinal 
'Accelrys Software Inc.' 'geometry optimization' 'Insight II' ? 1 
'Accelrys Software Inc.' refinement              'Insight II' ? 2 
# 
loop_
_chem_comp_atom.comp_id 
_chem_comp_atom.atom_id 
_chem_comp_atom.type_symbol 
_chem_comp_atom.pdbx_aromatic_flag 
_chem_comp_atom.pdbx_stereo_config 
_chem_comp_atom.pdbx_ordinal 
ALA N    N N N 1   
ALA CA   C N S 2   
ALA C    C N N 3   
ALA O    O N N 4   
ALA CB   C N N 5   
ALA OXT  O N N 6   
ALA H    H N N 7   
ALA H2   H N N 8   
ALA HA   H N N 9   
ALA HB1  H N N 10  
ALA HB2  H N N 11  
ALA HB3  H N N 12  
ALA HXT  H N N 13  
ASN N    N N N 14  
ASN CA   C N S 15  
ASN C    C N N 16  
ASN O    O N N 17  
ASN CB   C N N 18  
ASN CG   C N N 19  
ASN OD1  O N N 20  
ASN ND2  N N N 21  
ASN OXT  O N N 22  
ASN H    H N N 23  
ASN H2   H N N 24  
ASN HA   H N N 25  
ASN HB2  H N N 26  
ASN HB3  H N N 27  
ASN HD21 H N N 28  
ASN HD22 H N N 29  
ASN HXT  H N N 30  
GLN N    N N N 31  
GLN CA   C N S 32  
GLN C    C N N 33  
GLN O    O N N 34  
GLN CB   C N N 35  
GLN CG   C N N 36  
GLN CD   C N N 37  
GLN OE1  O N N 38  
GLN NE2  N N N 39  
GLN OXT  O N N 40  
GLN H    H N N 41  
GLN H2   H N N 42  
GLN HA   H N N 43  
GLN HB2  H N N 44  
GLN HB3  H N N 45  
GLN HG2  H N N 46  
GLN HG3  H N N 47  
GLN HE21 H N N 48  
GLN HE22 H N N 49  
GLN HXT  H N N 50  
GLU N    N N N 51  
GLU CA   C N S 52  
GLU C    C N N 53  
GLU O    O N N 54  
GLU CB   C N N 55  
GLU CG   C N N 56  
GLU CD   C N N 57  
GLU OE1  O N N 58  
GLU OE2  O N N 59  
GLU OXT  O N N 60  
GLU H    H N N 61  
GLU H2   H N N 62  
GLU HA   H N N 63  
GLU HB2  H N N 64  
GLU HB3  H N N 65  
GLU HG2  H N N 66  
GLU HG3  H N N 67  
GLU HE2  H N N 68  
GLU HXT  H N N 69  
GLY N    N N N 70  
GLY CA   C N N 71  
GLY C    C N N 72  
GLY O    O N N 73  
GLY OXT  O N N 74  
GLY H    H N N 75  
GLY H2   H N N 76  
GLY HA2  H N N 77  
GLY HA3  H N N 78  
GLY HXT  H N N 79  
LEU N    N N N 80  
LEU CA   C N S 81  
LEU C    C N N 82  
LEU O    O N N 83  
LEU CB   C N N 84  
LEU CG   C N N 85  
LEU CD1  C N N 86  
LEU CD2  C N N 87  
LEU OXT  O N N 88  
LEU H    H N N 89  
LEU H2   H N N 90  
LEU HA   H N N 91  
LEU HB2  H N N 92  
LEU HB3  H N N 93  
LEU HG   H N N 94  
LEU HD11 H N N 95  
LEU HD12 H N N 96  
LEU HD13 H N N 97  
LEU HD21 H N N 98  
LEU HD22 H N N 99  
LEU HD23 H N N 100 
LEU HXT  H N N 101 
LYS N    N N N 102 
LYS CA   C N S 103 
LYS C    C N N 104 
LYS O    O N N 105 
LYS CB   C N N 106 
LYS CG   C N N 107 
LYS CD   C N N 108 
LYS CE   C N N 109 
LYS NZ   N N N 110 
LYS OXT  O N N 111 
LYS H    H N N 112 
LYS H2   H N N 113 
LYS HA   H N N 114 
LYS HB2  H N N 115 
LYS HB3  H N N 116 
LYS HG2  H N N 117 
LYS HG3  H N N 118 
LYS HD2  H N N 119 
LYS HD3  H N N 120 
LYS HE2  H N N 121 
LYS HE3  H N N 122 
LYS HZ1  H N N 123 
LYS HZ2  H N N 124 
LYS HZ3  H N N 125 
LYS HXT  H N N 126 
MET N    N N N 127 
MET CA   C N S 128 
MET C    C N N 129 
MET O    O N N 130 
MET CB   C N N 131 
MET CG   C N N 132 
MET SD   S N N 133 
MET CE   C N N 134 
MET OXT  O N N 135 
MET H    H N N 136 
MET H2   H N N 137 
MET HA   H N N 138 
MET HB2  H N N 139 
MET HB3  H N N 140 
MET HG2  H N N 141 
MET HG3  H N N 142 
MET HE1  H N N 143 
MET HE2  H N N 144 
MET HE3  H N N 145 
MET HXT  H N N 146 
PHE N    N N N 147 
PHE CA   C N S 148 
PHE C    C N N 149 
PHE O    O N N 150 
PHE CB   C N N 151 
PHE CG   C Y N 152 
PHE CD1  C Y N 153 
PHE CD2  C Y N 154 
PHE CE1  C Y N 155 
PHE CE2  C Y N 156 
PHE CZ   C Y N 157 
PHE OXT  O N N 158 
PHE H    H N N 159 
PHE H2   H N N 160 
PHE HA   H N N 161 
PHE HB2  H N N 162 
PHE HB3  H N N 163 
PHE HD1  H N N 164 
PHE HD2  H N N 165 
PHE HE1  H N N 166 
PHE HE2  H N N 167 
PHE HZ   H N N 168 
PHE HXT  H N N 169 
SER N    N N N 170 
SER CA   C N S 171 
SER C    C N N 172 
SER O    O N N 173 
SER CB   C N N 174 
SER OG   O N N 175 
SER OXT  O N N 176 
SER H    H N N 177 
SER H2   H N N 178 
SER HA   H N N 179 
SER HB2  H N N 180 
SER HB3  H N N 181 
SER HG   H N N 182 
SER HXT  H N N 183 
THR N    N N N 184 
THR CA   C N S 185 
THR C    C N N 186 
THR O    O N N 187 
THR CB   C N R 188 
THR OG1  O N N 189 
THR CG2  C N N 190 
THR OXT  O N N 191 
THR H    H N N 192 
THR H2   H N N 193 
THR HA   H N N 194 
THR HB   H N N 195 
THR HG1  H N N 196 
THR HG21 H N N 197 
THR HG22 H N N 198 
THR HG23 H N N 199 
THR HXT  H N N 200 
TYR N    N N N 201 
TYR CA   C N S 202 
TYR C    C N N 203 
TYR O    O N N 204 
TYR CB   C N N 205 
TYR CG   C Y N 206 
TYR CD1  C Y N 207 
TYR CD2  C Y N 208 
TYR CE1  C Y N 209 
TYR CE2  C Y N 210 
TYR CZ   C Y N 211 
TYR OH   O N N 212 
TYR OXT  O N N 213 
TYR H    H N N 214 
TYR H2   H N N 215 
TYR HA   H N N 216 
TYR HB2  H N N 217 
TYR HB3  H N N 218 
TYR HD1  H N N 219 
TYR HD2  H N N 220 
TYR HE1  H N N 221 
TYR HE2  H N N 222 
TYR HH   H N N 223 
TYR HXT  H N N 224 
VAL N    N N N 225 
VAL CA   C N S 226 
VAL C    C N N 227 
VAL O    O N N 228 
VAL CB   C N N 229 
VAL CG1  C N N 230 
VAL CG2  C N N 231 
VAL OXT  O N N 232 
VAL H    H N N 233 
VAL H2   H N N 234 
VAL HA   H N N 235 
VAL HB   H N N 236 
VAL HG11 H N N 237 
VAL HG12 H N N 238 
VAL HG13 H N N 239 
VAL HG21 H N N 240 
VAL HG22 H N N 241 
VAL HG23 H N N 242 
VAL HXT  H N N 243 
# 
loop_
_chem_comp_bond.comp_id 
_chem_comp_bond.atom_id_1 
_chem_comp_bond.atom_id_2 
_chem_comp_bond.value_order 
_chem_comp_bond.pdbx_aromatic_flag 
_chem_comp_bond.pdbx_stereo_config 
_chem_comp_bond.pdbx_ordinal 
ALA N   CA   sing N N 1   
ALA N   H    sing N N 2   
ALA N   H2   sing N N 3   
ALA CA  C    sing N N 4   
ALA CA  CB   sing N N 5   
ALA CA  HA   sing N N 6   
ALA C   O    doub N N 7   
ALA C   OXT  sing N N 8   
ALA CB  HB1  sing N N 9   
ALA CB  HB2  sing N N 10  
ALA CB  HB3  sing N N 11  
ALA OXT HXT  sing N N 12  
ASN N   CA   sing N N 13  
ASN N   H    sing N N 14  
ASN N   H2   sing N N 15  
ASN CA  C    sing N N 16  
ASN CA  CB   sing N N 17  
ASN CA  HA   sing N N 18  
ASN C   O    doub N N 19  
ASN C   OXT  sing N N 20  
ASN CB  CG   sing N N 21  
ASN CB  HB2  sing N N 22  
ASN CB  HB3  sing N N 23  
ASN CG  OD1  doub N N 24  
ASN CG  ND2  sing N N 25  
ASN ND2 HD21 sing N N 26  
ASN ND2 HD22 sing N N 27  
ASN OXT HXT  sing N N 28  
GLN N   CA   sing N N 29  
GLN N   H    sing N N 30  
GLN N   H2   sing N N 31  
GLN CA  C    sing N N 32  
GLN CA  CB   sing N N 33  
GLN CA  HA   sing N N 34  
GLN C   O    doub N N 35  
GLN C   OXT  sing N N 36  
GLN CB  CG   sing N N 37  
GLN CB  HB2  sing N N 38  
GLN CB  HB3  sing N N 39  
GLN CG  CD   sing N N 40  
GLN CG  HG2  sing N N 41  
GLN CG  HG3  sing N N 42  
GLN CD  OE1  doub N N 43  
GLN CD  NE2  sing N N 44  
GLN NE2 HE21 sing N N 45  
GLN NE2 HE22 sing N N 46  
GLN OXT HXT  sing N N 47  
GLU N   CA   sing N N 48  
GLU N   H    sing N N 49  
GLU N   H2   sing N N 50  
GLU CA  C    sing N N 51  
GLU CA  CB   sing N N 52  
GLU CA  HA   sing N N 53  
GLU C   O    doub N N 54  
GLU C   OXT  sing N N 55  
GLU CB  CG   sing N N 56  
GLU CB  HB2  sing N N 57  
GLU CB  HB3  sing N N 58  
GLU CG  CD   sing N N 59  
GLU CG  HG2  sing N N 60  
GLU CG  HG3  sing N N 61  
GLU CD  OE1  doub N N 62  
GLU CD  OE2  sing N N 63  
GLU OE2 HE2  sing N N 64  
GLU OXT HXT  sing N N 65  
GLY N   CA   sing N N 66  
GLY N   H    sing N N 67  
GLY N   H2   sing N N 68  
GLY CA  C    sing N N 69  
GLY CA  HA2  sing N N 70  
GLY CA  HA3  sing N N 71  
GLY C   O    doub N N 72  
GLY C   OXT  sing N N 73  
GLY OXT HXT  sing N N 74  
LEU N   CA   sing N N 75  
LEU N   H    sing N N 76  
LEU N   H2   sing N N 77  
LEU CA  C    sing N N 78  
LEU CA  CB   sing N N 79  
LEU CA  HA   sing N N 80  
LEU C   O    doub N N 81  
LEU C   OXT  sing N N 82  
LEU CB  CG   sing N N 83  
LEU CB  HB2  sing N N 84  
LEU CB  HB3  sing N N 85  
LEU CG  CD1  sing N N 86  
LEU CG  CD2  sing N N 87  
LEU CG  HG   sing N N 88  
LEU CD1 HD11 sing N N 89  
LEU CD1 HD12 sing N N 90  
LEU CD1 HD13 sing N N 91  
LEU CD2 HD21 sing N N 92  
LEU CD2 HD22 sing N N 93  
LEU CD2 HD23 sing N N 94  
LEU OXT HXT  sing N N 95  
LYS N   CA   sing N N 96  
LYS N   H    sing N N 97  
LYS N   H2   sing N N 98  
LYS CA  C    sing N N 99  
LYS CA  CB   sing N N 100 
LYS CA  HA   sing N N 101 
LYS C   O    doub N N 102 
LYS C   OXT  sing N N 103 
LYS CB  CG   sing N N 104 
LYS CB  HB2  sing N N 105 
LYS CB  HB3  sing N N 106 
LYS CG  CD   sing N N 107 
LYS CG  HG2  sing N N 108 
LYS CG  HG3  sing N N 109 
LYS CD  CE   sing N N 110 
LYS CD  HD2  sing N N 111 
LYS CD  HD3  sing N N 112 
LYS CE  NZ   sing N N 113 
LYS CE  HE2  sing N N 114 
LYS CE  HE3  sing N N 115 
LYS NZ  HZ1  sing N N 116 
LYS NZ  HZ2  sing N N 117 
LYS NZ  HZ3  sing N N 118 
LYS OXT HXT  sing N N 119 
MET N   CA   sing N N 120 
MET N   H    sing N N 121 
MET N   H2   sing N N 122 
MET CA  C    sing N N 123 
MET CA  CB   sing N N 124 
MET CA  HA   sing N N 125 
MET C   O    doub N N 126 
MET C   OXT  sing N N 127 
MET CB  CG   sing N N 128 
MET CB  HB2  sing N N 129 
MET CB  HB3  sing N N 130 
MET CG  SD   sing N N 131 
MET CG  HG2  sing N N 132 
MET CG  HG3  sing N N 133 
MET SD  CE   sing N N 134 
MET CE  HE1  sing N N 135 
MET CE  HE2  sing N N 136 
MET CE  HE3  sing N N 137 
MET OXT HXT  sing N N 138 
PHE N   CA   sing N N 139 
PHE N   H    sing N N 140 
PHE N   H2   sing N N 141 
PHE CA  C    sing N N 142 
PHE CA  CB   sing N N 143 
PHE CA  HA   sing N N 144 
PHE C   O    doub N N 145 
PHE C   OXT  sing N N 146 
PHE CB  CG   sing N N 147 
PHE CB  HB2  sing N N 148 
PHE CB  HB3  sing N N 149 
PHE CG  CD1  doub Y N 150 
PHE CG  CD2  sing Y N 151 
PHE CD1 CE1  sing Y N 152 
PHE CD1 HD1  sing N N 153 
PHE CD2 CE2  doub Y N 154 
PHE CD2 HD2  sing N N 155 
PHE CE1 CZ   doub Y N 156 
PHE CE1 HE1  sing N N 157 
PHE CE2 CZ   sing Y N 158 
PHE CE2 HE2  sing N N 159 
PHE CZ  HZ   sing N N 160 
PHE OXT HXT  sing N N 161 
SER N   CA   sing N N 162 
SER N   H    sing N N 163 
SER N   H2   sing N N 164 
SER CA  C    sing N N 165 
SER CA  CB   sing N N 166 
SER CA  HA   sing N N 167 
SER C   O    doub N N 168 
SER C   OXT  sing N N 169 
SER CB  OG   sing N N 170 
SER CB  HB2  sing N N 171 
SER CB  HB3  sing N N 172 
SER OG  HG   sing N N 173 
SER OXT HXT  sing N N 174 
THR N   CA   sing N N 175 
THR N   H    sing N N 176 
THR N   H2   sing N N 177 
THR CA  C    sing N N 178 
THR CA  CB   sing N N 179 
THR CA  HA   sing N N 180 
THR C   O    doub N N 181 
THR C   OXT  sing N N 182 
THR CB  OG1  sing N N 183 
THR CB  CG2  sing N N 184 
THR CB  HB   sing N N 185 
THR OG1 HG1  sing N N 186 
THR CG2 HG21 sing N N 187 
THR CG2 HG22 sing N N 188 
THR CG2 HG23 sing N N 189 
THR OXT HXT  sing N N 190 
TYR N   CA   sing N N 191 
TYR N   H    sing N N 192 
TYR N   H2   sing N N 193 
TYR CA  C    sing N N 194 
TYR CA  CB   sing N N 195 
TYR CA  HA   sing N N 196 
TYR C   O    doub N N 197 
TYR C   OXT  sing N N 198 
TYR CB  CG   sing N N 199 
TYR CB  HB2  sing N N 200 
TYR CB  HB3  sing N N 201 
TYR CG  CD1  doub Y N 202 
TYR CG  CD2  sing Y N 203 
TYR CD1 CE1  sing Y N 204 
TYR CD1 HD1  sing N N 205 
TYR CD2 CE2  doub Y N 206 
TYR CD2 HD2  sing N N 207 
TYR CE1 CZ   doub Y N 208 
TYR CE1 HE1  sing N N 209 
TYR CE2 CZ   sing Y N 210 
TYR CE2 HE2  sing N N 211 
TYR CZ  OH   sing N N 212 
TYR OH  HH   sing N N 213 
TYR OXT HXT  sing N N 214 
VAL N   CA   sing N N 215 
VAL N   H    sing N N 216 
VAL N   H2   sing N N 217 
VAL CA  C    sing N N 218 
VAL CA  CB   sing N N 219 
VAL CA  HA   sing N N 220 
VAL C   O    doub N N 221 
VAL C   OXT  sing N N 222 
VAL CB  CG1  sing N N 223 
VAL CB  CG2  sing N N 224 
VAL CB  HB   sing N N 225 
VAL CG1 HG11 sing N N 226 
VAL CG1 HG12 sing N N 227 
VAL CG1 HG13 sing N N 228 
VAL CG2 HG21 sing N N 229 
VAL CG2 HG22 sing N N 230 
VAL CG2 HG23 sing N N 231 
VAL OXT HXT  sing N N 232 
# 
_pdbx_nmr_spectrometer.field_strength    600 
_pdbx_nmr_spectrometer.manufacturer      Bruker 
_pdbx_nmr_spectrometer.model             DRX 
_pdbx_nmr_spectrometer.spectrometer_id   1 
_pdbx_nmr_spectrometer.type              'Bruker DRX' 
# 
_atom_sites.entry_id                    2MU7 
_atom_sites.fract_transf_matrix[1][1]   1.000000 
_atom_sites.fract_transf_matrix[1][2]   0.000000 
_atom_sites.fract_transf_matrix[1][3]   0.000000 
_atom_sites.fract_transf_matrix[2][1]   0.000000 
_atom_sites.fract_transf_matrix[2][2]   1.000000 
_atom_sites.fract_transf_matrix[2][3]   0.000000 
_atom_sites.fract_transf_matrix[3][1]   0.000000 
_atom_sites.fract_transf_matrix[3][2]   0.000000 
_atom_sites.fract_transf_matrix[3][3]   1.000000 
_atom_sites.fract_transf_vector[1]      0.00000 
_atom_sites.fract_transf_vector[2]      0.00000 
_atom_sites.fract_transf_vector[3]      0.00000 
# 
loop_
_atom_type.symbol 
C 
H 
N 
O 
S 
# 
loop_
_atom_site.group_PDB 
_atom_site.id 
_atom_site.type_symbol 
_atom_site.label_atom_id 
_atom_site.label_alt_id 
_atom_site.label_comp_id 
_atom_site.label_asym_id 
_atom_site.label_entity_id 
_atom_site.label_seq_id 
_atom_site.pdbx_PDB_ins_code 
_atom_site.Cartn_x 
_atom_site.Cartn_y 
_atom_site.Cartn_z 
_atom_site.occupancy 
_atom_site.B_iso_or_equiv 
_atom_site.pdbx_formal_charge 
_atom_site.auth_seq_id 
_atom_site.auth_comp_id 
_atom_site.auth_asym_id 
_atom_site.auth_atom_id 
_atom_site.pdbx_PDB_model_num 
ATOM 1   N N    . GLY A 1 1  ? -10.719 2.592  9.897   1.00 0.00 ? 1  GLY A N    1 
ATOM 2   C CA   . GLY A 1 1  ? -10.914 3.231  8.575   1.00 0.00 ? 1  GLY A CA   1 
ATOM 3   C C    . GLY A 1 1  ? -10.064 2.591  7.458   1.00 0.00 ? 1  GLY A C    1 
ATOM 4   O O    . GLY A 1 1  ? -8.862  2.359  7.633   1.00 0.00 ? 1  GLY A O    1 
ATOM 5   H H1   . GLY A 1 1  ? -10.032 2.939  10.575  1.00 0.00 ? 1  GLY A H1   1 
ATOM 6   H HA2  . GLY A 1 1  ? -11.992 3.259  8.316   1.00 0.00 ? 1  GLY A HA2  1 
ATOM 7   H HA3  . GLY A 1 1  ? -10.621 4.293  8.661   1.00 0.00 ? 1  GLY A HA3  1 
ATOM 8   N N    . TYR A 1 2  ? -10.696 2.338  6.294   1.00 0.00 ? 2  TYR A N    1 
ATOM 9   C CA   . TYR A 1 2  ? -10.020 1.740  5.114   1.00 0.00 ? 2  TYR A CA   1 
ATOM 10  C C    . TYR A 1 2  ? -8.973  2.700  4.450   1.00 0.00 ? 2  TYR A C    1 
ATOM 11  O O    . TYR A 1 2  ? -7.839  2.261  4.249   1.00 0.00 ? 2  TYR A O    1 
ATOM 12  C CB   . TYR A 1 2  ? -11.061 1.131  4.108   1.00 0.00 ? 2  TYR A CB   1 
ATOM 13  C CG   . TYR A 1 2  ? -10.442 0.211  3.036   1.00 0.00 ? 2  TYR A CG   1 
ATOM 14  C CD1  . TYR A 1 2  ? -10.277 -1.155 3.292   1.00 0.00 ? 2  TYR A CD1  1 
ATOM 15  C CD2  . TYR A 1 2  ? -10.048 0.727  1.795   1.00 0.00 ? 2  TYR A CD2  1 
ATOM 16  C CE1  . TYR A 1 2  ? -9.734  -1.993 2.321   1.00 0.00 ? 2  TYR A CE1  1 
ATOM 17  C CE2  . TYR A 1 2  ? -9.498  -0.111 0.828   1.00 0.00 ? 2  TYR A CE2  1 
ATOM 18  C CZ   . TYR A 1 2  ? -9.345  -1.471 1.089   1.00 0.00 ? 2  TYR A CZ   1 
ATOM 19  O OH   . TYR A 1 2  ? -8.804  -2.297 0.137   1.00 0.00 ? 2  TYR A OH   1 
ATOM 20  H H    . TYR A 1 2  ? -11.687 2.563  6.276   1.00 0.00 ? 2  TYR A H    1 
ATOM 21  H HA   . TYR A 1 2  ? -9.449  0.899  5.538   1.00 0.00 ? 2  TYR A HA   1 
ATOM 22  H HB2  . TYR A 1 2  ? -11.854 0.541  4.624   1.00 0.00 ? 2  TYR A HB2  1 
ATOM 23  H HB3  . TYR A 1 2  ? -11.643 1.935  3.621   1.00 0.00 ? 2  TYR A HB3  1 
ATOM 24  H HD1  . TYR A 1 2  ? -10.572 -1.574 4.244   1.00 0.00 ? 2  TYR A HD1  1 
ATOM 25  H HD2  . TYR A 1 2  ? -10.164 1.779  1.576   1.00 0.00 ? 2  TYR A HD2  1 
ATOM 26  H HE1  . TYR A 1 2  ? -9.612  -3.046 2.528   1.00 0.00 ? 2  TYR A HE1  1 
ATOM 27  H HE2  . TYR A 1 2  ? -9.193  0.296  -0.125  1.00 0.00 ? 2  TYR A HE2  1 
ATOM 28  H HH   . TYR A 1 2  ? -8.764  -3.191 0.483   1.00 0.00 ? 2  TYR A HH   1 
ATOM 29  N N    . SER A 1 3  ? -9.304  3.989  4.181   1.00 0.00 ? 3  SER A N    1 
ATOM 30  C CA   . SER A 1 3  ? -8.344  4.968  3.620   1.00 0.00 ? 3  SER A CA   1 
ATOM 31  C C    . SER A 1 3  ? -7.693  5.720  4.825   1.00 0.00 ? 3  SER A C    1 
ATOM 32  O O    . SER A 1 3  ? -7.905  6.910  5.072   1.00 0.00 ? 3  SER A O    1 
ATOM 33  C CB   . SER A 1 3  ? -9.064  5.882  2.603   1.00 0.00 ? 3  SER A CB   1 
ATOM 34  O OG   . SER A 1 3  ? -8.127  6.739  1.959   1.00 0.00 ? 3  SER A OG   1 
ATOM 35  H H    . SER A 1 3  ? -9.700  4.381  5.029   1.00 0.00 ? 3  SER A H    1 
ATOM 36  H HA   . SER A 1 3  ? -7.568  4.416  3.076   1.00 0.00 ? 3  SER A HA   1 
ATOM 37  H HB2  . SER A 1 3  ? -9.585  5.287  1.830   1.00 0.00 ? 3  SER A HB2  1 
ATOM 38  H HB3  . SER A 1 3  ? -9.846  6.498  3.092   1.00 0.00 ? 3  SER A HB3  1 
ATOM 39  H HG   . SER A 1 3  ? -7.722  7.260  2.657   1.00 0.00 ? 3  SER A HG   1 
ATOM 40  N N    . LEU A 1 4  ? -6.871  4.935  5.546   1.00 0.00 ? 4  LEU A N    1 
ATOM 41  C CA   . LEU A 1 4  ? -6.175  5.312  6.795   1.00 0.00 ? 4  LEU A CA   1 
ATOM 42  C C    . LEU A 1 4  ? -5.109  4.228  7.107   1.00 0.00 ? 4  LEU A C    1 
ATOM 43  O O    . LEU A 1 4  ? -3.929  4.430  6.799   1.00 0.00 ? 4  LEU A O    1 
ATOM 44  C CB   . LEU A 1 4  ? -7.257  5.604  7.878   1.00 0.00 ? 4  LEU A CB   1 
ATOM 45  C CG   . LEU A 1 4  ? -6.830  5.743  9.367   1.00 0.00 ? 4  LEU A CG   1 
ATOM 46  C CD1  . LEU A 1 4  ? -5.932  6.974  9.600   1.00 0.00 ? 4  LEU A CD1  1 
ATOM 47  C CD2  . LEU A 1 4  ? -8.062  5.789  10.289  1.00 0.00 ? 4  LEU A CD2  1 
ATOM 48  H H    . LEU A 1 4  ? -6.870  3.989  5.175   1.00 0.00 ? 4  LEU A H    1 
ATOM 49  H HA   . LEU A 1 4  ? -5.597  6.200  6.586   1.00 0.00 ? 4  LEU A HA   1 
ATOM 50  H HB2  . LEU A 1 4  ? -7.854  6.477  7.609   1.00 0.00 ? 4  LEU A HB2  1 
ATOM 51  H HB3  . LEU A 1 4  ? -8.027  4.855  7.723   1.00 0.00 ? 4  LEU A HB3  1 
ATOM 52  H HG   . LEU A 1 4  ? -6.253  4.849  9.661   1.00 0.00 ? 4  LEU A HG   1 
ATOM 53  H HD11 . LEU A 1 4  ? -5.009  6.925  8.992   1.00 0.00 ? 4  LEU A HD11 1 
ATOM 54  H HD12 . LEU A 1 4  ? -6.445  7.919  9.341   1.00 0.00 ? 4  LEU A HD12 1 
ATOM 55  H HD13 . LEU A 1 4  ? -5.611  7.052  10.656  1.00 0.00 ? 4  LEU A HD13 1 
ATOM 56  H HD21 . LEU A 1 4  ? -8.721  6.648  10.064  1.00 0.00 ? 4  LEU A HD21 1 
ATOM 57  H HD22 . LEU A 1 4  ? -7.774  5.864  11.354  1.00 0.00 ? 4  LEU A HD22 1 
ATOM 58  H HD23 . LEU A 1 4  ? -8.675  4.873  10.191  1.00 0.00 ? 4  LEU A HD23 1 
ATOM 59  N N    . PHE A 1 5  ? -5.508  3.085  7.696   1.00 0.00 ? 5  PHE A N    1 
ATOM 60  C CA   . PHE A 1 5  ? -4.635  1.926  7.979   1.00 0.00 ? 5  PHE A CA   1 
ATOM 61  C C    . PHE A 1 5  ? -4.163  1.263  6.651   1.00 0.00 ? 5  PHE A C    1 
ATOM 62  O O    . PHE A 1 5  ? -2.962  1.034  6.481   1.00 0.00 ? 5  PHE A O    1 
ATOM 63  C CB   . PHE A 1 5  ? -5.348  0.920  8.943   1.00 0.00 ? 5  PHE A CB   1 
ATOM 64  C CG   . PHE A 1 5  ? -5.696  1.474  10.341  1.00 0.00 ? 5  PHE A CG   1 
ATOM 65  C CD1  . PHE A 1 5  ? -4.695  1.643  11.306  1.00 0.00 ? 5  PHE A CD1  1 
ATOM 66  C CD2  . PHE A 1 5  ? -7.010  1.847  10.646  1.00 0.00 ? 5  PHE A CD2  1 
ATOM 67  C CE1  . PHE A 1 5  ? -5.004  2.186  12.550  1.00 0.00 ? 5  PHE A CE1  1 
ATOM 68  C CE2  . PHE A 1 5  ? -7.316  2.392  11.889  1.00 0.00 ? 5  PHE A CE2  1 
ATOM 69  C CZ   . PHE A 1 5  ? -6.313  2.562  12.841  1.00 0.00 ? 5  PHE A CZ   1 
ATOM 70  H H    . PHE A 1 5  ? -6.469  3.041  7.996   1.00 0.00 ? 5  PHE A H    1 
ATOM 71  H HA   . PHE A 1 5  ? -3.757  2.360  8.490   1.00 0.00 ? 5  PHE A HA   1 
ATOM 72  H HB2  . PHE A 1 5  ? -6.249  0.479  8.468   1.00 0.00 ? 5  PHE A HB2  1 
ATOM 73  H HB3  . PHE A 1 5  ? -4.720  0.027  9.074   1.00 0.00 ? 5  PHE A HB3  1 
ATOM 74  H HD1  . PHE A 1 5  ? -3.672  1.366  11.089  1.00 0.00 ? 5  PHE A HD1  1 
ATOM 75  H HD2  . PHE A 1 5  ? -7.798  1.725  9.918   1.00 0.00 ? 5  PHE A HD2  1 
ATOM 76  H HE1  . PHE A 1 5  ? -4.227  2.321  13.288  1.00 0.00 ? 5  PHE A HE1  1 
ATOM 77  H HE2  . PHE A 1 5  ? -8.330  2.686  12.116  1.00 0.00 ? 5  PHE A HE2  1 
ATOM 78  H HZ   . PHE A 1 5  ? -6.550  2.987  13.805  1.00 0.00 ? 5  PHE A HZ   1 
ATOM 79  N N    . GLN A 1 6  ? -5.101  0.997  5.716   1.00 0.00 ? 6  GLN A N    1 
ATOM 80  C CA   . GLN A 1 6  ? -4.785  0.535  4.351   1.00 0.00 ? 6  GLN A CA   1 
ATOM 81  C C    . GLN A 1 6  ? -4.337  1.676  3.382   1.00 0.00 ? 6  GLN A C    1 
ATOM 82  O O    . GLN A 1 6  ? -3.810  1.337  2.320   1.00 0.00 ? 6  GLN A O    1 
ATOM 83  C CB   . GLN A 1 6  ? -6.081  -0.119 3.809   1.00 0.00 ? 6  GLN A CB   1 
ATOM 84  C CG   . GLN A 1 6  ? -5.923  -1.521 3.176   1.00 0.00 ? 6  GLN A CG   1 
ATOM 85  C CD   . GLN A 1 6  ? -5.090  -1.569 1.880   1.00 0.00 ? 6  GLN A CD   1 
ATOM 86  O OE1  . GLN A 1 6  ? -3.899  -1.876 1.895   1.00 0.00 ? 6  GLN A OE1  1 
ATOM 87  N NE2  . GLN A 1 6  ? -5.689  -1.269 0.737   1.00 0.00 ? 6  GLN A NE2  1 
ATOM 88  H H    . GLN A 1 6  ? -6.090  1.239  5.900   1.00 0.00 ? 6  GLN A H    1 
ATOM 89  H HA   . GLN A 1 6  ? -3.976  -0.219 4.409   1.00 0.00 ? 6  GLN A HA   1 
ATOM 90  H HB2  . GLN A 1 6  ? -6.846  -0.138 4.598   1.00 0.00 ? 6  GLN A HB2  1 
ATOM 91  H HB3  . GLN A 1 6  ? -6.574  0.562  3.106   1.00 0.00 ? 6  GLN A HB3  1 
ATOM 92  H HG2  . GLN A 1 6  ? -5.473  -2.206 3.918   1.00 0.00 ? 6  GLN A HG2  1 
ATOM 93  H HG3  . GLN A 1 6  ? -6.926  -1.946 2.986   1.00 0.00 ? 6  GLN A HG3  1 
ATOM 94  H HE21 . GLN A 1 6  ? -6.684  -1.022 0.791   1.00 0.00 ? 6  GLN A HE21 1 
ATOM 95  H HE22 . GLN A 1 6  ? -5.112  -1.311 -0.110  1.00 0.00 ? 6  GLN A HE22 1 
ATOM 96  N N    . LYS A 1 7  ? -4.544  2.987  3.694   1.00 0.00 ? 7  LYS A N    1 
ATOM 97  C CA   . LYS A 1 7  ? -4.081  4.109  2.833   1.00 0.00 ? 7  LYS A CA   1 
ATOM 98  C C    . LYS A 1 7  ? -2.549  4.025  2.523   1.00 0.00 ? 7  LYS A C    1 
ATOM 99  O O    . LYS A 1 7  ? -2.143  4.041  1.359   1.00 0.00 ? 7  LYS A O    1 
ATOM 100 C CB   . LYS A 1 7  ? -4.503  5.494  3.349   1.00 0.00 ? 7  LYS A CB   1 
ATOM 101 C CG   . LYS A 1 7  ? -4.049  6.738  2.562   1.00 0.00 ? 7  LYS A CG   1 
ATOM 102 C CD   . LYS A 1 7  ? -4.649  8.043  3.118   1.00 0.00 ? 7  LYS A CD   1 
ATOM 103 C CE   . LYS A 1 7  ? -4.208  9.286  2.325   1.00 0.00 ? 7  LYS A CE   1 
ATOM 104 N NZ   . LYS A 1 7  ? -4.800  10.517 2.879   1.00 0.00 ? 7  LYS A NZ   1 
ATOM 105 H H    . LYS A 1 7  ? -4.900  3.161  4.640   1.00 0.00 ? 7  LYS A H    1 
ATOM 106 H HA   . LYS A 1 7  ? -4.724  4.030  1.967   1.00 0.00 ? 7  LYS A HA   1 
ATOM 107 H HB2  . LYS A 1 7  ? -5.599  5.518  3.337   1.00 0.00 ? 7  LYS A HB2  1 
ATOM 108 H HB3  . LYS A 1 7  ? -4.198  5.573  4.390   1.00 0.00 ? 7  LYS A HB3  1 
ATOM 109 H HG2  . LYS A 1 7  ? -2.945  6.795  2.583   1.00 0.00 ? 7  LYS A HG2  1 
ATOM 110 H HG3  . LYS A 1 7  ? -4.336  6.609  1.502   1.00 0.00 ? 7  LYS A HG3  1 
ATOM 111 H HD2  . LYS A 1 7  ? -5.755  7.971  3.112   1.00 0.00 ? 7  LYS A HD2  1 
ATOM 112 H HD3  . LYS A 1 7  ? -4.361  8.156  4.181   1.00 0.00 ? 7  LYS A HD3  1 
ATOM 113 H HE2  . LYS A 1 7  ? -3.106  9.380  2.335   1.00 0.00 ? 7  LYS A HE2  1 
ATOM 114 H HE3  . LYS A 1 7  ? -4.503  9.191  1.263   1.00 0.00 ? 7  LYS A HE3  1 
ATOM 115 H HZ2  . LYS A 1 7  ? -4.480  10.658 3.843   1.00 0.00 ? 7  LYS A HZ2  1 
ATOM 116 H HZ3  . LYS A 1 7  ? -4.468  11.334 2.355   1.00 0.00 ? 7  LYS A HZ3  1 
ATOM 117 N N    . GLU A 1 8  ? -1.741  3.907  3.593   1.00 0.00 ? 8  GLU A N    1 
ATOM 118 C CA   . GLU A 1 8  ? -0.288  3.725  3.559   1.00 0.00 ? 8  GLU A CA   1 
ATOM 119 C C    . GLU A 1 8  ? 0.212   2.308  3.142   1.00 0.00 ? 8  GLU A C    1 
ATOM 120 O O    . GLU A 1 8  ? 1.282   2.222  2.534   1.00 0.00 ? 8  GLU A O    1 
ATOM 121 C CB   . GLU A 1 8  ? 0.077   4.095  5.028   1.00 0.00 ? 8  GLU A CB   1 
ATOM 122 C CG   . GLU A 1 8  ? 0.745   5.467  5.188   1.00 0.00 ? 8  GLU A CG   1 
ATOM 123 C CD   . GLU A 1 8  ? 2.262   5.442  4.980   1.00 0.00 ? 8  GLU A CD   1 
ATOM 124 O OE1  . GLU A 1 8  ? 3.069   5.309  5.900   1.00 0.00 ? 8  GLU A OE1  1 
ATOM 125 O OE2  . GLU A 1 8  ? 2.608   5.583  3.660   1.00 0.00 ? 8  GLU A OE2  1 
ATOM 126 H H    . GLU A 1 8  ? -2.129  3.889  4.547   1.00 0.00 ? 8  GLU A H    1 
ATOM 127 H HA   . GLU A 1 8  ? 0.148   4.440  2.836   1.00 0.00 ? 8  GLU A HA   1 
ATOM 128 H HB2  . GLU A 1 8  ? -0.782  4.095  5.737   1.00 0.00 ? 8  GLU A HB2  1 
ATOM 129 H HB3  . GLU A 1 8  ? 0.651   3.289  5.480   1.00 0.00 ? 8  GLU A HB3  1 
ATOM 130 H HG2  . GLU A 1 8  ? 0.282   6.213  4.510   1.00 0.00 ? 8  GLU A HG2  1 
ATOM 131 H HG3  . GLU A 1 8  ? 0.501   5.809  6.208   1.00 0.00 ? 8  GLU A HG3  1 
ATOM 132 H HE2  . GLU A 1 8  ? 3.559   5.563  3.534   1.00 0.00 ? 8  GLU A HE2  1 
ATOM 133 N N    . LYS A 1 9  ? -0.518  1.215  3.469   1.00 0.00 ? 9  LYS A N    1 
ATOM 134 C CA   . LYS A 1 9  ? -0.172  -0.164 3.036   1.00 0.00 ? 9  LYS A CA   1 
ATOM 135 C C    . LYS A 1 9  ? -0.263  -0.406 1.504   1.00 0.00 ? 9  LYS A C    1 
ATOM 136 O O    . LYS A 1 9  ? 0.595   -1.087 0.936   1.00 0.00 ? 9  LYS A O    1 
ATOM 137 C CB   . LYS A 1 9  ? -0.941  -1.191 3.884   1.00 0.00 ? 9  LYS A CB   1 
ATOM 138 C CG   . LYS A 1 9  ? -0.548  -2.682 3.739   1.00 0.00 ? 9  LYS A CG   1 
ATOM 139 C CD   . LYS A 1 9  ? 0.878   -3.022 4.223   1.00 0.00 ? 9  LYS A CD   1 
ATOM 140 C CE   . LYS A 1 9  ? 1.214   -4.518 4.081   1.00 0.00 ? 9  LYS A CE   1 
ATOM 141 N NZ   . LYS A 1 9  ? 2.585   -4.808 4.538   1.00 0.00 ? 9  LYS A NZ   1 
ATOM 142 H H    . LYS A 1 9  ? -1.400  1.392  3.942   1.00 0.00 ? 9  LYS A H    1 
ATOM 143 H HA   . LYS A 1 9  ? 0.861   -0.262 3.295   1.00 0.00 ? 9  LYS A HA   1 
ATOM 144 H HB2  . LYS A 1 9  ? -0.903  -0.923 4.958   1.00 0.00 ? 9  LYS A HB2  1 
ATOM 145 H HB3  . LYS A 1 9  ? -1.977  -1.064 3.576   1.00 0.00 ? 9  LYS A HB3  1 
ATOM 146 H HG2  . LYS A 1 9  ? -1.278  -3.287 4.308   1.00 0.00 ? 9  LYS A HG2  1 
ATOM 147 H HG3  . LYS A 1 9  ? -0.672  -2.997 2.686   1.00 0.00 ? 9  LYS A HG3  1 
ATOM 148 H HD2  . LYS A 1 9  ? 1.615   -2.425 3.651   1.00 0.00 ? 9  LYS A HD2  1 
ATOM 149 H HD3  . LYS A 1 9  ? 0.990   -2.710 5.280   1.00 0.00 ? 9  LYS A HD3  1 
ATOM 150 H HE2  . LYS A 1 9  ? 0.502   -5.131 4.664   1.00 0.00 ? 9  LYS A HE2  1 
ATOM 151 H HE3  . LYS A 1 9  ? 1.110   -4.838 3.028   1.00 0.00 ? 9  LYS A HE3  1 
ATOM 152 H HZ2  . LYS A 1 9  ? 2.774   -5.814 4.462   1.00 0.00 ? 9  LYS A HZ2  1 
ATOM 153 H HZ3  . LYS A 1 9  ? 2.679   -4.583 5.534   1.00 0.00 ? 9  LYS A HZ3  1 
ATOM 154 N N    . MET A 1 10 ? -1.290  0.176  0.860   1.00 0.00 ? 10 MET A N    1 
ATOM 155 C CA   . MET A 1 10 ? -1.428  0.261  -0.606  1.00 0.00 ? 10 MET A CA   1 
ATOM 156 C C    . MET A 1 10 ? -0.173  0.889  -1.316  1.00 0.00 ? 10 MET A C    1 
ATOM 157 O O    . MET A 1 10 ? 0.151   0.476  -2.432  1.00 0.00 ? 10 MET A O    1 
ATOM 158 C CB   . MET A 1 10 ? -2.724  1.087  -0.841  1.00 0.00 ? 10 MET A CB   1 
ATOM 159 C CG   . MET A 1 10 ? -3.216  1.162  -2.295  1.00 0.00 ? 10 MET A CG   1 
ATOM 160 S SD   . MET A 1 10 ? -3.573  -0.495 -2.918  1.00 0.00 ? 10 MET A SD   1 
ATOM 161 C CE   . MET A 1 10 ? -4.084  -0.110 -4.604  1.00 0.00 ? 10 MET A CE   1 
ATOM 162 H H    . MET A 1 10 ? -1.948  0.677  1.450   1.00 0.00 ? 10 MET A H    1 
ATOM 163 H HA   . MET A 1 10 ? -1.602  -0.764 -0.958  1.00 0.00 ? 10 MET A HA   1 
ATOM 164 H HB2  . MET A 1 10 ? -3.552  0.671  -0.231  1.00 0.00 ? 10 MET A HB2  1 
ATOM 165 H HB3  . MET A 1 10 ? -2.587  2.117  -0.449  1.00 0.00 ? 10 MET A HB3  1 
ATOM 166 H HG2  . MET A 1 10 ? -4.131  1.779  -2.355  1.00 0.00 ? 10 MET A HG2  1 
ATOM 167 H HG3  . MET A 1 10 ? -2.465  1.653  -2.943  1.00 0.00 ? 10 MET A HG3  1 
ATOM 168 H HE1  . MET A 1 10 ? -4.961  0.563  -4.608  1.00 0.00 ? 10 MET A HE1  1 
ATOM 169 H HE2  . MET A 1 10 ? -4.359  -1.032 -5.146  1.00 0.00 ? 10 MET A HE2  1 
ATOM 170 H HE3  . MET A 1 10 ? -3.266  0.383  -5.162  1.00 0.00 ? 10 MET A HE3  1 
ATOM 171 N N    . VAL A 1 11 ? 0.529   1.845  -0.649  1.00 0.00 ? 11 VAL A N    1 
ATOM 172 C CA   . VAL A 1 11 ? 1.767   2.489  -1.156  1.00 0.00 ? 11 VAL A CA   1 
ATOM 173 C C    . VAL A 1 11 ? 2.976   1.496  -1.181  1.00 0.00 ? 11 VAL A C    1 
ATOM 174 O O    . VAL A 1 11 ? 3.618   1.345  -2.223  1.00 0.00 ? 11 VAL A O    1 
ATOM 175 C CB   . VAL A 1 11 ? 2.093   3.842  -0.420  1.00 0.00 ? 11 VAL A CB   1 
ATOM 176 C CG1  . VAL A 1 11 ? 3.289   4.597  -1.051  1.00 0.00 ? 11 VAL A CG1  1 
ATOM 177 C CG2  . VAL A 1 11 ? 0.911   4.840  -0.346  1.00 0.00 ? 11 VAL A CG2  1 
ATOM 178 H H    . VAL A 1 11 ? 0.303   1.893  0.351   1.00 0.00 ? 11 VAL A H    1 
ATOM 179 H HA   . VAL A 1 11 ? 1.521   2.746  -2.183  1.00 0.00 ? 11 VAL A HA   1 
ATOM 180 H HB   . VAL A 1 11 ? 2.377   3.605  0.622   1.00 0.00 ? 11 VAL A HB   1 
ATOM 181 H HG11 . VAL A 1 11 ? 3.523   5.532  -0.509  1.00 0.00 ? 11 VAL A HG11 1 
ATOM 182 H HG12 . VAL A 1 11 ? 4.215   3.991  -1.032  1.00 0.00 ? 11 VAL A HG12 1 
ATOM 183 H HG13 . VAL A 1 11 ? 3.098   4.864  -2.108  1.00 0.00 ? 11 VAL A HG13 1 
ATOM 184 H HG21 . VAL A 1 11 ? 1.177   5.755  0.215   1.00 0.00 ? 11 VAL A HG21 1 
ATOM 185 H HG22 . VAL A 1 11 ? 0.564   5.152  -1.350  1.00 0.00 ? 11 VAL A HG22 1 
ATOM 186 H HG23 . VAL A 1 11 ? 0.042   4.405  0.176   1.00 0.00 ? 11 VAL A HG23 1 
ATOM 187 N N    . LEU A 1 12 ? 3.270   0.833  -0.041  1.00 0.00 ? 12 LEU A N    1 
ATOM 188 C CA   . LEU A 1 12 ? 4.356   -0.175 0.085   1.00 0.00 ? 12 LEU A CA   1 
ATOM 189 C C    . LEU A 1 12 ? 4.269   -1.378 -0.904  1.00 0.00 ? 12 LEU A C    1 
ATOM 190 O O    . LEU A 1 12 ? 5.266   -1.695 -1.555  1.00 0.00 ? 12 LEU A O    1 
ATOM 191 C CB   . LEU A 1 12 ? 4.458   -0.667 1.565   1.00 0.00 ? 12 LEU A CB   1 
ATOM 192 C CG   . LEU A 1 12 ? 5.862   -1.163 2.017   1.00 0.00 ? 12 LEU A CG   1 
ATOM 193 C CD1  . LEU A 1 12 ? 6.884   -0.019 2.181   1.00 0.00 ? 12 LEU A CD1  1 
ATOM 194 C CD2  . LEU A 1 12 ? 5.764   -1.969 3.329   1.00 0.00 ? 12 LEU A CD2  1 
ATOM 195 H H    . LEU A 1 12 ? 2.739   1.154  0.768   1.00 0.00 ? 12 LEU A H    1 
ATOM 196 H HA   . LEU A 1 12 ? 5.270   0.392  -0.152  1.00 0.00 ? 12 LEU A HA   1 
ATOM 197 H HB2  . LEU A 1 12 ? 4.104   0.123  2.246   1.00 0.00 ? 12 LEU A HB2  1 
ATOM 198 H HB3  . LEU A 1 12 ? 3.727   -1.475 1.753   1.00 0.00 ? 12 LEU A HB3  1 
ATOM 199 H HG   . LEU A 1 12 ? 6.251   -1.856 1.246   1.00 0.00 ? 12 LEU A HG   1 
ATOM 200 H HD11 . LEU A 1 12 ? 6.561   0.720  2.937   1.00 0.00 ? 12 LEU A HD11 1 
ATOM 201 H HD12 . LEU A 1 12 ? 7.047   0.530  1.236   1.00 0.00 ? 12 LEU A HD12 1 
ATOM 202 H HD13 . LEU A 1 12 ? 7.874   -0.398 2.495   1.00 0.00 ? 12 LEU A HD13 1 
ATOM 203 H HD21 . LEU A 1 12 ? 5.087   -2.836 3.222   1.00 0.00 ? 12 LEU A HD21 1 
ATOM 204 H HD22 . LEU A 1 12 ? 6.748   -2.372 3.635   1.00 0.00 ? 12 LEU A HD22 1 
ATOM 205 H HD23 . LEU A 1 12 ? 5.384   -1.357 4.167   1.00 0.00 ? 12 LEU A HD23 1 
ATOM 206 N N    . ASN A 1 13 ? 3.082   -2.011 -1.016  1.00 0.00 ? 13 ASN A N    1 
ATOM 207 C CA   . ASN A 1 13 ? 2.843   -3.169 -1.913  1.00 0.00 ? 13 ASN A CA   1 
ATOM 208 C C    . ASN A 1 13 ? 2.956   -2.847 -3.437  1.00 0.00 ? 13 ASN A C    1 
ATOM 209 O O    . ASN A 1 13 ? 3.608   -3.606 -4.159  1.00 0.00 ? 13 ASN A O    1 
ATOM 210 C CB   . ASN A 1 13 ? 1.523   -3.903 -1.539  1.00 0.00 ? 13 ASN A CB   1 
ATOM 211 C CG   . ASN A 1 13 ? 1.346   -5.296 -2.180  1.00 0.00 ? 13 ASN A CG   1 
ATOM 212 O OD1  . ASN A 1 13 ? 1.954   -6.277 -1.754  1.00 0.00 ? 13 ASN A OD1  1 
ATOM 213 N ND2  . ASN A 1 13 ? 0.512   -5.414 -3.203  1.00 0.00 ? 13 ASN A ND2  1 
ATOM 214 H H    . ASN A 1 13 ? 2.347   -1.599 -0.443  1.00 0.00 ? 13 ASN A H    1 
ATOM 215 H HA   . ASN A 1 13 ? 3.648   -3.858 -1.660  1.00 0.00 ? 13 ASN A HA   1 
ATOM 216 H HB2  . ASN A 1 13 ? 1.470   -4.077 -0.445  1.00 0.00 ? 13 ASN A HB2  1 
ATOM 217 H HB3  . ASN A 1 13 ? 0.657   -3.254 -1.764  1.00 0.00 ? 13 ASN A HB3  1 
ATOM 218 H HD21 . ASN A 1 13 ? 0.037   -4.557 -3.508  1.00 0.00 ? 13 ASN A HD21 1 
ATOM 219 H HD22 . ASN A 1 13 ? 0.408   -6.352 -3.605  1.00 0.00 ? 13 ASN A HD22 1 
ATOM 220 N N    . GLU A 1 14 ? 2.339   -1.750 -3.923  1.00 0.00 ? 14 GLU A N    1 
ATOM 221 C CA   . GLU A 1 14 ? 2.421   -1.323 -5.344  1.00 0.00 ? 14 GLU A CA   1 
ATOM 222 C C    . GLU A 1 14 ? 3.851   -0.944 -5.861  1.00 0.00 ? 14 GLU A C    1 
ATOM 223 O O    . GLU A 1 14 ? 4.155   -1.210 -7.029  1.00 0.00 ? 14 GLU A O    1 
ATOM 224 C CB   . GLU A 1 14 ? 1.353   -0.193 -5.644  1.00 0.00 ? 14 GLU A CB   1 
ATOM 225 C CG   . GLU A 1 14 ? 1.697   1.258  -5.215  1.00 0.00 ? 14 GLU A CG   1 
ATOM 226 C CD   . GLU A 1 14 ? 0.590   2.265  -5.539  1.00 0.00 ? 14 GLU A CD   1 
ATOM 227 O OE1  . GLU A 1 14 ? 0.507   2.853  -6.618  1.00 0.00 ? 14 GLU A OE1  1 
ATOM 228 O OE2  . GLU A 1 14 ? -0.286  2.435  -4.498  1.00 0.00 ? 14 GLU A OE2  1 
ATOM 229 H H    . GLU A 1 14 ? 1.858   -1.194 -3.224  1.00 0.00 ? 14 GLU A H    1 
ATOM 230 H HA   . GLU A 1 14 ? 2.158   -2.259 -5.878  1.00 0.00 ? 14 GLU A HA   1 
ATOM 231 H HB2  . GLU A 1 14 ? 1.132   -0.144 -6.729  1.00 0.00 ? 14 GLU A HB2  1 
ATOM 232 H HB3  . GLU A 1 14 ? 0.363   -0.435 -5.200  1.00 0.00 ? 14 GLU A HB3  1 
ATOM 233 H HG2  . GLU A 1 14 ? 1.932   1.307  -4.140  1.00 0.00 ? 14 GLU A HG2  1 
ATOM 234 H HG3  . GLU A 1 14 ? 2.620   1.592  -5.724  1.00 0.00 ? 14 GLU A HG3  1 
ATOM 235 H HE2  . GLU A 1 14 ? -0.056  1.889  -3.742  1.00 0.00 ? 14 GLU A HE2  1 
ATOM 236 N N    . GLY A 1 15 ? 4.701   -0.342 -5.006  1.00 0.00 ? 15 GLY A N    1 
ATOM 237 C CA   . GLY A 1 15 ? 6.070   0.070  -5.380  1.00 0.00 ? 15 GLY A CA   1 
ATOM 238 C C    . GLY A 1 15 ? 7.145   -0.994 -5.086  1.00 0.00 ? 15 GLY A C    1 
ATOM 239 O O    . GLY A 1 15 ? 7.396   -1.865 -5.924  1.00 0.00 ? 15 GLY A O    1 
ATOM 240 H H    . GLY A 1 15 ? 4.310   -0.208 -4.063  1.00 0.00 ? 15 GLY A H    1 
ATOM 241 H HA2  . GLY A 1 15 ? 6.120   0.348  -6.451  1.00 0.00 ? 15 GLY A HA2  1 
ATOM 242 H HA3  . GLY A 1 15 ? 6.302   1.015  -4.850  1.00 0.00 ? 15 GLY A HA3  1 
ATOM 243 N N    . THR A 1 16 ? 7.766   -0.907 -3.896  1.00 0.00 ? 16 THR A N    1 
ATOM 244 C CA   . THR A 1 16 ? 8.877   -1.813 -3.475  1.00 0.00 ? 16 THR A CA   1 
ATOM 245 C C    . THR A 1 16 ? 8.519   -3.311 -3.206  1.00 0.00 ? 16 THR A C    1 
ATOM 246 O O    . THR A 1 16 ? 9.255   -4.190 -3.666  1.00 0.00 ? 16 THR A O    1 
ATOM 247 C CB   . THR A 1 16 ? 9.677   -1.141 -2.312  1.00 0.00 ? 16 THR A CB   1 
ATOM 248 O OG1  . THR A 1 16 ? 10.881  -1.867 -2.082  1.00 0.00 ? 16 THR A OG1  1 
ATOM 249 C CG2  . THR A 1 16 ? 8.950   -0.985 -0.959  1.00 0.00 ? 16 THR A CG2  1 
ATOM 250 H H    . THR A 1 16 ? 7.450   -0.131 -3.304  1.00 0.00 ? 16 THR A H    1 
ATOM 251 H HA   . THR A 1 16 ? 9.578   -1.840 -4.329  1.00 0.00 ? 16 THR A HA   1 
ATOM 252 H HB   . THR A 1 16 ? 9.976   -0.127 -2.640  1.00 0.00 ? 16 THR A HB   1 
ATOM 253 H HG1  . THR A 1 16 ? 10.613  -2.741 -1.792  1.00 0.00 ? 16 THR A HG1  1 
ATOM 254 H HG21 . THR A 1 16 ? 8.704   -1.960 -0.504  1.00 0.00 ? 16 THR A HG21 1 
ATOM 255 H HG22 . THR A 1 16 ? 9.577   -0.437 -0.231  1.00 0.00 ? 16 THR A HG22 1 
ATOM 256 H HG23 . THR A 1 16 ? 8.007   -0.419 -1.062  1.00 0.00 ? 16 THR A HG23 1 
ATOM 257 N N    . SER A 1 17 ? 7.427   -3.592 -2.473  1.00 0.00 ? 17 SER A N    1 
ATOM 258 C CA   . SER A 1 17 ? 7.009   -4.979 -2.117  1.00 0.00 ? 17 SER A CA   1 
ATOM 259 C C    . SER A 1 17 ? 5.955   -5.563 -3.111  1.00 0.00 ? 17 SER A C    1 
ATOM 260 O O    . SER A 1 17 ? 4.822   -5.889 -2.739  1.00 0.00 ? 17 SER A O    1 
ATOM 261 C CB   . SER A 1 17 ? 6.519   -4.978 -0.646  1.00 0.00 ? 17 SER A CB   1 
ATOM 262 O OG   . SER A 1 17 ? 7.542   -4.562 0.254   1.00 0.00 ? 17 SER A OG   1 
ATOM 263 H H    . SER A 1 17 ? 6.906   -2.759 -2.189  1.00 0.00 ? 17 SER A H    1 
ATOM 264 H HA   . SER A 1 17 ? 7.887   -5.655 -2.138  1.00 0.00 ? 17 SER A HA   1 
ATOM 265 H HB2  . SER A 1 17 ? 5.635   -4.324 -0.517  1.00 0.00 ? 17 SER A HB2  1 
ATOM 266 H HB3  . SER A 1 17 ? 6.189   -5.991 -0.352  1.00 0.00 ? 17 SER A HB3  1 
ATOM 267 H HG   . SER A 1 17 ? 7.769   -3.665 -0.002  1.00 0.00 ? 17 SER A HG   1 
ATOM 268 N N    . GLY A 1 18 ? 6.367   -5.732 -4.380  1.00 0.00 ? 18 GLY A N    1 
ATOM 269 C CA   . GLY A 1 18 ? 5.492   -6.267 -5.443  1.00 0.00 ? 18 GLY A CA   1 
ATOM 270 C C    . GLY A 1 18 ? 6.225   -6.273 -6.794  1.00 0.00 ? 18 GLY A C    1 
ATOM 271 O O    . GLY A 1 18 ? 6.632   -7.339 -7.261  1.00 0.00 ? 18 GLY A O    1 
ATOM 272 H H    . GLY A 1 18 ? 7.272   -5.302 -4.598  1.00 0.00 ? 18 GLY A H    1 
ATOM 273 H HA2  . GLY A 1 18 ? 5.176   -7.296 -5.185  1.00 0.00 ? 18 GLY A HA2  1 
ATOM 274 H HA3  . GLY A 1 18 ? 4.557   -5.676 -5.515  1.00 0.00 ? 18 GLY A HA3  1 
ATOM 275 N N    . THR A 1 19 ? 6.367   -5.076 -7.402  1.00 0.00 ? 19 THR A N    1 
ATOM 276 C CA   . THR A 1 19 ? 7.094   -4.843 -8.690  1.00 0.00 ? 19 THR A CA   1 
ATOM 277 C C    . THR A 1 19 ? 6.496   -5.641 -9.895  1.00 0.00 ? 19 THR A C    1 
ATOM 278 O O    . THR A 1 19 ? 6.867   -6.797 -10.129 1.00 0.00 ? 19 THR A O    1 
ATOM 279 C CB   . THR A 1 19 ? 8.652   -4.969 -8.595  1.00 0.00 ? 19 THR A CB   1 
ATOM 280 O OG1  . THR A 1 19 ? 9.060   -6.294 -8.270  1.00 0.00 ? 19 THR A OG1  1 
ATOM 281 C CG2  . THR A 1 19 ? 9.316   -4.002 -7.596  1.00 0.00 ? 19 THR A CG2  1 
ATOM 282 H H    . THR A 1 19 ? 6.046   -4.291 -6.825  1.00 0.00 ? 19 THR A H    1 
ATOM 283 H HA   . THR A 1 19 ? 6.923   -3.770 -8.907  1.00 0.00 ? 19 THR A HA   1 
ATOM 284 H HB   . THR A 1 19 ? 9.072   -4.730 -9.591  1.00 0.00 ? 19 THR A HB   1 
ATOM 285 H HG1  . THR A 1 19 ? 8.692   -6.859 -8.954  1.00 0.00 ? 19 THR A HG1  1 
ATOM 286 H HG21 . THR A 1 19 ? 8.981   -4.185 -6.558  1.00 0.00 ? 19 THR A HG21 1 
ATOM 287 H HG22 . THR A 1 19 ? 10.416  -4.108 -7.607  1.00 0.00 ? 19 THR A HG22 1 
ATOM 288 H HG23 . THR A 1 19 ? 9.088   -2.948 -7.839  1.00 0.00 ? 19 THR A HG23 1 
ATOM 289 N N    . ALA A 1 20 ? 5.574   -5.009 -10.647 1.00 0.00 ? 20 ALA A N    1 
ATOM 290 C CA   . ALA A 1 20 ? 4.915   -5.636 -11.822 1.00 0.00 ? 20 ALA A CA   1 
ATOM 291 C C    . ALA A 1 20 ? 5.643   -5.237 -13.131 1.00 0.00 ? 20 ALA A C    1 
ATOM 292 O O    . ALA A 1 20 ? 5.658   -4.075 -13.545 1.00 0.00 ? 20 ALA A O    1 
ATOM 293 C CB   . ALA A 1 20 ? 3.433   -5.212 -11.850 1.00 0.00 ? 20 ALA A CB   1 
ATOM 294 H H    . ALA A 1 20 ? 5.357   -4.051 -10.351 1.00 0.00 ? 20 ALA A H    1 
ATOM 295 H HA   . ALA A 1 20 ? 4.910   -6.740 -11.709 1.00 0.00 ? 20 ALA A HA   1 
ATOM 296 H HB1  . ALA A 1 20 ? 2.900   -5.526 -10.934 1.00 0.00 ? 20 ALA A HB1  1 
ATOM 297 H HB2  . ALA A 1 20 ? 2.898   -5.674 -12.701 1.00 0.00 ? 20 ALA A HB2  1 
ATOM 298 H HB3  . ALA A 1 20 ? 3.308   -4.116 -11.944 1.00 0.00 ? 20 ALA A HB3  1 
# 
